data_4Y1J
#
_entry.id   4Y1J
#
_cell.length_a   50.419
_cell.length_b   62.510
_cell.length_c   69.969
_cell.angle_alpha   116.21
_cell.angle_beta   101.83
_cell.angle_gamma   98.83
#
_symmetry.space_group_name_H-M   'P 1'
#
loop_
_entity.id
_entity.type
_entity.pdbx_description
1 polymer 'yybP-ykoY riboswitch'
2 non-polymer "GUANOSINE-5'-TRIPHOSPHATE"
3 non-polymer 'STRONTIUM ION'
4 non-polymer 'MAGNESIUM ION'
5 water water
#
_entity_poly.entity_id   1
_entity_poly.type   'polyribonucleotide'
_entity_poly.pdbx_seq_one_letter_code
;AAAGGGGAGUAGCGUCGGGAAACCGAAACAAAGUCGUCUAUUCGUGAGGAAACUCACCGGCUUUGUUGACAUACGAAAGU
AUGUUUAGCAAGACCUUUCC
;
_entity_poly.pdbx_strand_id   A,B
#
loop_
_chem_comp.id
_chem_comp.type
_chem_comp.name
_chem_comp.formula
A RNA linking ADENOSINE-5'-MONOPHOSPHATE 'C10 H14 N5 O7 P'
C RNA linking CYTIDINE-5'-MONOPHOSPHATE 'C9 H14 N3 O8 P'
G RNA linking GUANOSINE-5'-MONOPHOSPHATE 'C10 H14 N5 O8 P'
GTP non-polymer GUANOSINE-5'-TRIPHOSPHATE 'C10 H16 N5 O14 P3'
MG non-polymer 'MAGNESIUM ION' 'Mg 2'
SR non-polymer 'STRONTIUM ION' 'Sr 2'
U RNA linking URIDINE-5'-MONOPHOSPHATE 'C9 H13 N2 O9 P'
#
# COMPACT_ATOMS: atom_id res chain seq x y z
PG GTP C . 14.18 34.26 3.05
O1G GTP C . 13.90 34.59 1.50
O2G GTP C . 15.13 35.34 3.57
O3G GTP C . 14.60 32.81 3.15
O3B GTP C . 12.77 34.41 3.84
PB GTP C . 12.45 33.98 5.38
O1B GTP C . 12.40 35.22 6.24
O2B GTP C . 13.34 32.82 5.79
O3A GTP C . 10.94 33.43 5.20
PA GTP C . 9.64 34.15 5.82
O1A GTP C . 8.44 33.28 5.49
O2A GTP C . 9.91 34.47 7.27
O5' GTP C . 9.48 35.54 5.02
C5' GTP C . 8.71 36.59 5.60
C4' GTP C . 8.50 37.76 4.64
O4' GTP C . 9.74 38.29 4.17
C3' GTP C . 7.73 37.36 3.40
O3' GTP C . 6.33 37.65 3.55
C2' GTP C . 8.30 38.21 2.28
O2' GTP C . 7.51 39.38 2.08
C1' GTP C . 9.67 38.62 2.79
N9 GTP C . 10.73 37.88 2.07
C8 GTP C . 11.45 36.87 2.60
N7 GTP C . 12.35 36.41 1.72
C5 GTP C . 12.22 37.13 0.59
C6 GTP C . 12.89 37.15 -0.73
O6 GTP C . 13.81 36.36 -1.01
N1 GTP C . 12.46 38.06 -1.62
C2 GTP C . 11.46 38.92 -1.34
N2 GTP C . 11.09 39.80 -2.30
N3 GTP C . 10.82 38.96 -0.15
C4 GTP C . 11.16 38.09 0.83
SR SR D . 4.72 22.77 -4.52
SR SR E . -18.70 7.71 10.50
SR SR F . 9.25 12.60 -6.93
SR SR G . 23.45 5.19 -13.63
SR SR H . -24.11 -1.18 -10.43
SR SR I . 19.47 5.62 -8.81
SR SR J . -15.50 1.07 -12.87
SR SR K . -22.15 5.74 11.87
SR SR L . 10.94 9.73 -3.31
SR SR M . -24.75 -3.80 -11.72
SR SR N . 6.64 26.39 -2.91
SR SR O . -28.45 -9.29 -3.32
SR SR P . -0.34 1.30 -17.89
SR SR Q . -22.62 -7.52 -10.46
SR SR R . -35.80 -9.44 -0.87
SR SR S . 9.58 5.08 -16.60
SR SR T . 0.96 1.34 -14.76
SR SR U . -6.21 2.42 1.98
SR SR V . -3.13 11.06 -0.06
SR SR W . 0.11 6.03 -0.40
SR SR X . 20.73 2.52 -15.11
SR SR Y . -5.17 21.79 -5.91
SR SR Z . -21.41 -0.87 -11.31
SR SR AA . -30.40 -11.26 -2.00
SR SR BA . -4.40 -0.89 -13.48
SR SR CA . 3.51 0.83 -17.53
SR SR DA . -24.00 -14.57 -2.74
SR SR EA . -6.78 1.81 6.11
SR SR FA . -24.88 -8.05 -6.05
SR SR GA . -33.19 -21.92 -6.51
MG MG HA . -25.47 7.83 6.22
MG MG IA . -22.86 -10.54 -13.97
MG MG JA . 7.98 26.53 1.98
MG MG KA . 1.81 26.09 2.61
MG MG LA . 2.43 15.39 -7.48
MG MG MA . -20.46 -10.42 -17.01
MG MG NA . 18.19 2.16 -13.52
MG MG OA . -5.95 21.91 4.29
MG MG PA . -7.66 19.73 -7.86
MG MG QA . -12.02 21.77 -7.17
MG MG RA . -0.99 8.47 -7.18
MG MG SA . -20.09 9.05 6.56
MG MG TA . -23.66 -1.33 4.07
MG MG UA . -16.61 8.06 14.75
MG MG VA . -13.13 5.64 -14.56
MG MG WA . -44.37 -12.16 -7.33
MG MG XA . -26.83 -14.22 -14.97
PG GTP YA . -10.90 -32.12 -3.37
O1G GTP YA . -12.10 -32.54 -4.18
O2G GTP YA . -10.27 -33.15 -2.44
O3G GTP YA . -11.36 -30.88 -2.45
O3B GTP YA . -9.76 -31.63 -4.42
PB GTP YA . -9.39 -32.43 -5.78
O1B GTP YA . -10.65 -32.56 -6.63
O2B GTP YA . -8.61 -33.67 -5.43
O3A GTP YA . -8.41 -31.44 -6.60
PA GTP YA . -8.36 -29.84 -6.41
O1A GTP YA . -7.34 -29.33 -7.42
O2A GTP YA . -8.15 -29.54 -4.94
O5' GTP YA . -9.82 -29.27 -6.83
C5' GTP YA . -9.95 -28.37 -7.93
C4' GTP YA . -11.19 -27.49 -7.83
O4' GTP YA . -12.36 -28.22 -7.45
C3' GTP YA . -11.07 -26.39 -6.79
O3' GTP YA . -10.55 -25.19 -7.35
C2' GTP YA . -12.47 -26.14 -6.31
O2' GTP YA . -13.08 -25.11 -7.10
C1' GTP YA . -13.16 -27.46 -6.53
N9 GTP YA . -13.25 -28.19 -5.24
C8 GTP YA . -12.53 -29.27 -4.90
N7 GTP YA . -12.85 -29.69 -3.65
C5 GTP YA . -13.77 -28.86 -3.16
C6 GTP YA . -14.53 -28.74 -1.90
O6 GTP YA . -14.36 -29.54 -0.96
N1 GTP YA . -15.41 -27.72 -1.79
C2 GTP YA . -15.60 -26.84 -2.79
N2 GTP YA . -16.50 -25.84 -2.63
N3 GTP YA . -14.94 -26.90 -3.98
C4 GTP YA . -14.03 -27.87 -4.22
SR SR ZA . 21.63 -3.96 15.85
SR SR AB . 29.55 3.19 14.79
SR SR BB . 29.31 -9.19 -8.94
SR SR CB . 25.85 -11.20 -7.65
SR SR DB . -0.78 -22.09 5.81
SR SR EB . 8.95 -30.03 13.34
SR SR FB . 38.40 1.21 8.48
SR SR GB . -3.55 -24.54 3.41
SR SR HB . 5.56 -26.58 14.23
SR SR IB . 32.40 -0.05 15.76
SR SR JB . 13.60 -19.17 5.62
SR SR KB . 4.23 -19.78 41.47
SR SR LB . 14.54 -16.92 23.25
SR SR MB . 3.54 -12.64 4.38
SR SR NB . 23.23 -18.60 5.57
SR SR OB . 41.54 6.26 3.94
SR SR PB . 14.60 -14.87 24.95
SR SR QB . 17.02 -18.80 3.47
SR SR RB . 23.22 -6.34 11.77
SR SR SB . -12.52 -33.37 4.31
SR SR TB . 26.72 3.23 14.75
SR SR UB . 10.52 -22.29 26.17
MG MG VB . 19.07 -14.98 19.76
MG MG WB . 8.61 -29.72 8.83
MG MG XB . 35.34 2.00 2.84
MG MG YB . 37.56 -1.06 4.52
MG MG ZB . 2.64 -22.69 13.88
MG MG AC . 7.83 -22.31 38.04
MG MG BC . -3.64 -32.42 -3.51
#